data_8I0E
#
_entry.id   8I0E
#
_cell.length_a   101.650
_cell.length_b   61.280
_cell.length_c   68.640
_cell.angle_alpha   90.00
_cell.angle_beta   90.00
_cell.angle_gamma   90.00
#
_symmetry.space_group_name_H-M   'P 21 21 2'
#
loop_
_entity.id
_entity.type
_entity.pdbx_description
1 polymer Glycosyltransferase
2 non-polymer "URIDINE-5'-DIPHOSPHATE"
3 water water
#
_entity_poly.entity_id   1
_entity_poly.type   'polypeptide(L)'
_entity_poly.pdbx_seq_one_letter_code
;MVFQSHIGVLAFPFGTHAAPLLTVVQRLATSSPHTLFSFFNSAVSNSTLFNNGVLDSYDNIRVYHVWDGTPQGQAFTGSH
FEAVGLFLKASPGNFDKVIDEAEVETGLKISCLITDAFLWFGYDLAEKRGVPWLAFWTSAQCALSAHMYTHEILKAVGSN
GVGETAEEELIQSLIPGLEMAHLSDLPPEIFFDKNPNPLAITINKMVLKLPKSTAVILNSFEEIDPIITTDLKSKFHHFL
NIGPSILSSPTPPPPDDKTGCLAWLDSQTRPKSVVYISFGTVITPPENELAALSEALETCNYPFLWSLNDRAKKSLPTGF
LDRTKELGMIVPWAPQPRVLAHRSVGVFVTHCGWNSILESICSGVPLICRPFFGDQKLNSRMVEDSWKIGVRLEGGVLSK
TATVEALGRVMMSEEGEIIRENVNEMNEKAKIAVEPKGSSFKNFNKLLEIINAPQSS
;
_entity_poly.pdbx_strand_id   A
#
loop_
_chem_comp.id
_chem_comp.type
_chem_comp.name
_chem_comp.formula
UDP RNA linking URIDINE-5'-DIPHOSPHATE 'C9 H14 N2 O12 P2'
#
# COMPACT_ATOMS: atom_id res chain seq x y z
N PHE A 3 19.30 -26.30 -4.96
CA PHE A 3 19.35 -24.83 -4.68
C PHE A 3 20.75 -24.46 -4.16
N GLN A 4 21.28 -23.32 -4.62
CA GLN A 4 22.63 -22.84 -4.22
C GLN A 4 22.51 -21.93 -3.00
N SER A 5 21.38 -21.22 -2.88
CA SER A 5 21.13 -20.16 -1.87
C SER A 5 19.77 -20.38 -1.22
N HIS A 6 19.61 -19.86 -0.01
CA HIS A 6 18.36 -19.89 0.77
C HIS A 6 18.15 -18.50 1.35
N ILE A 7 17.05 -17.84 1.02
CA ILE A 7 16.78 -16.45 1.49
C ILE A 7 15.54 -16.49 2.37
N GLY A 8 15.66 -15.95 3.58
CA GLY A 8 14.55 -15.81 4.53
C GLY A 8 13.88 -14.47 4.34
N VAL A 9 12.55 -14.48 4.29
CA VAL A 9 11.71 -13.27 4.08
C VAL A 9 10.66 -13.25 5.18
N LEU A 10 10.69 -12.22 6.03
CA LEU A 10 9.76 -12.10 7.19
C LEU A 10 8.73 -10.99 6.89
N ALA A 11 7.45 -11.34 6.90
CA ALA A 11 6.31 -10.44 6.63
C ALA A 11 5.80 -9.86 7.94
N PHE A 12 5.32 -8.62 7.87
CA PHE A 12 4.43 -8.03 8.90
C PHE A 12 3.02 -8.49 8.56
N PRO A 13 2.41 -9.37 9.36
CA PRO A 13 1.22 -10.11 8.92
C PRO A 13 -0.11 -9.36 9.14
N PHE A 14 -0.16 -8.09 8.73
CA PHE A 14 -1.31 -7.17 8.96
C PHE A 14 -1.49 -6.21 7.80
N GLY A 15 -2.73 -5.73 7.65
CA GLY A 15 -3.08 -4.74 6.63
C GLY A 15 -2.68 -5.27 5.27
N THR A 16 -2.04 -4.44 4.45
CA THR A 16 -1.59 -4.83 3.09
C THR A 16 -0.07 -4.81 3.11
N HIS A 17 0.54 -5.33 4.17
CA HIS A 17 2.02 -5.41 4.31
C HIS A 17 2.52 -6.67 3.59
N ALA A 18 1.84 -7.82 3.76
CA ALA A 18 2.36 -9.14 3.33
C ALA A 18 2.25 -9.27 1.80
N ALA A 19 1.16 -8.77 1.20
CA ALA A 19 0.91 -8.82 -0.26
C ALA A 19 2.07 -8.20 -1.06
N PRO A 20 2.44 -6.90 -0.90
CA PRO A 20 3.50 -6.34 -1.73
C PRO A 20 4.88 -7.00 -1.50
N LEU A 21 5.15 -7.46 -0.28
CA LEU A 21 6.42 -8.16 0.02
C LEU A 21 6.44 -9.51 -0.74
N LEU A 22 5.34 -10.26 -0.72
CA LEU A 22 5.26 -11.56 -1.46
C LEU A 22 5.43 -11.30 -2.96
N THR A 23 4.85 -10.21 -3.49
CA THR A 23 4.97 -9.86 -4.93
C THR A 23 6.45 -9.70 -5.27
N VAL A 24 7.20 -9.03 -4.41
CA VAL A 24 8.66 -8.82 -4.64
C VAL A 24 9.37 -10.18 -4.53
N VAL A 25 8.97 -11.06 -3.62
CA VAL A 25 9.62 -12.39 -3.51
C VAL A 25 9.36 -13.16 -4.81
N GLN A 26 8.14 -13.09 -5.33
CA GLN A 26 7.75 -13.76 -6.60
C GLN A 26 8.64 -13.26 -7.74
N ARG A 27 8.90 -11.95 -7.82
CA ARG A 27 9.79 -11.33 -8.84
C ARG A 27 11.23 -11.84 -8.65
N LEU A 28 11.76 -11.82 -7.43
CA LEU A 28 13.12 -12.33 -7.13
C LEU A 28 13.19 -13.82 -7.49
N ALA A 29 12.17 -14.60 -7.13
CA ALA A 29 12.11 -16.06 -7.34
C ALA A 29 12.12 -16.37 -8.85
N THR A 30 11.40 -15.57 -9.64
CA THR A 30 11.41 -15.66 -11.13
C THR A 30 12.84 -15.44 -11.65
N SER A 31 13.51 -14.39 -11.19
CA SER A 31 14.85 -13.99 -11.66
C SER A 31 15.96 -14.90 -11.11
N SER A 32 15.73 -15.65 -10.02
CA SER A 32 16.78 -16.47 -9.37
C SER A 32 16.29 -17.90 -9.17
N PRO A 33 16.18 -18.70 -10.25
CA PRO A 33 15.66 -20.07 -10.14
C PRO A 33 16.48 -21.00 -9.23
N HIS A 34 17.76 -20.71 -8.99
CA HIS A 34 18.66 -21.53 -8.14
C HIS A 34 18.62 -21.06 -6.67
N THR A 35 17.87 -20.00 -6.36
CA THR A 35 17.70 -19.53 -4.96
C THR A 35 16.35 -20.00 -4.40
N LEU A 36 16.35 -20.56 -3.20
CA LEU A 36 15.11 -20.93 -2.48
C LEU A 36 14.73 -19.76 -1.56
N PHE A 37 13.46 -19.32 -1.64
CA PHE A 37 12.91 -18.25 -0.79
C PHE A 37 11.94 -18.90 0.19
N SER A 38 12.18 -18.68 1.48
CA SER A 38 11.28 -19.16 2.54
C SER A 38 10.56 -17.90 3.06
N PHE A 39 9.23 -17.91 3.00
CA PHE A 39 8.35 -16.76 3.30
C PHE A 39 7.65 -17.06 4.63
N PHE A 40 7.95 -16.25 5.64
CA PHE A 40 7.48 -16.42 7.03
C PHE A 40 6.37 -15.40 7.29
N ASN A 41 5.17 -15.90 7.59
CA ASN A 41 3.93 -15.08 7.72
C ASN A 41 2.96 -15.85 8.61
N SER A 42 1.94 -15.18 9.19
CA SER A 42 0.93 -15.83 10.05
C SER A 42 -0.03 -16.64 9.16
N ALA A 43 -0.61 -17.72 9.68
CA ALA A 43 -1.64 -18.50 8.96
C ALA A 43 -2.76 -17.57 8.52
N VAL A 44 -3.23 -16.68 9.39
CA VAL A 44 -4.37 -15.76 9.09
C VAL A 44 -4.03 -14.92 7.87
N SER A 45 -2.81 -14.36 7.82
CA SER A 45 -2.35 -13.47 6.72
C SER A 45 -2.18 -14.30 5.45
N ASN A 46 -1.67 -15.53 5.56
CA ASN A 46 -1.44 -16.43 4.40
C ASN A 46 -2.80 -16.77 3.76
N SER A 47 -3.82 -17.05 4.56
CA SER A 47 -5.18 -17.38 4.06
C SER A 47 -5.80 -16.12 3.43
N THR A 48 -5.58 -14.93 3.99
CA THR A 48 -5.99 -13.64 3.38
C THR A 48 -5.38 -13.55 1.97
N LEU A 49 -4.09 -13.90 1.83
CA LEU A 49 -3.34 -13.82 0.54
C LEU A 49 -3.99 -14.77 -0.48
N PHE A 50 -4.32 -16.02 -0.10
CA PHE A 50 -4.92 -17.02 -1.03
C PHE A 50 -6.37 -16.58 -1.37
N ASN A 51 -7.10 -15.99 -0.41
CA ASN A 51 -8.48 -15.46 -0.58
C ASN A 51 -8.50 -14.28 -1.56
N ASN A 52 -7.47 -13.44 -1.55
CA ASN A 52 -7.29 -12.29 -2.49
C ASN A 52 -6.50 -12.72 -3.73
N GLY A 53 -6.09 -14.00 -3.82
CA GLY A 53 -5.46 -14.61 -5.00
C GLY A 53 -4.05 -14.10 -5.26
N VAL A 54 -3.38 -13.51 -4.26
CA VAL A 54 -1.97 -13.02 -4.35
C VAL A 54 -1.02 -14.23 -4.36
N LEU A 55 -1.40 -15.33 -3.70
CA LEU A 55 -0.56 -16.56 -3.61
C LEU A 55 -0.45 -17.20 -5.00
N ASP A 56 0.66 -17.88 -5.27
CA ASP A 56 0.90 -18.70 -6.48
C ASP A 56 1.88 -19.81 -6.10
N SER A 57 2.02 -20.83 -6.96
CA SER A 57 2.89 -21.99 -6.67
C SER A 57 4.20 -21.87 -7.45
N TYR A 58 5.30 -21.68 -6.74
CA TYR A 58 6.69 -21.60 -7.28
C TYR A 58 7.48 -22.81 -6.78
N ASP A 59 8.41 -23.31 -7.60
CA ASP A 59 9.31 -24.42 -7.21
C ASP A 59 10.26 -23.94 -6.10
N ASN A 60 10.55 -22.64 -6.04
CA ASN A 60 11.60 -22.04 -5.18
C ASN A 60 11.02 -21.02 -4.19
N ILE A 61 9.75 -21.13 -3.84
CA ILE A 61 9.15 -20.38 -2.70
C ILE A 61 8.47 -21.41 -1.80
N ARG A 62 8.84 -21.43 -0.53
CA ARG A 62 8.18 -22.21 0.54
C ARG A 62 7.56 -21.22 1.53
N VAL A 63 6.29 -21.43 1.88
CA VAL A 63 5.57 -20.56 2.84
C VAL A 63 5.53 -21.30 4.16
N TYR A 64 5.94 -20.62 5.23
CA TYR A 64 5.92 -21.14 6.61
C TYR A 64 4.98 -20.27 7.46
N HIS A 65 4.20 -20.91 8.34
CA HIS A 65 3.36 -20.26 9.37
C HIS A 65 4.27 -19.89 10.55
N VAL A 66 4.22 -18.63 11.00
CA VAL A 66 4.87 -18.14 12.23
C VAL A 66 3.76 -17.86 13.24
N TRP A 67 3.99 -18.13 14.52
CA TRP A 67 2.98 -17.95 15.59
C TRP A 67 2.60 -16.46 15.69
N ASP A 68 1.31 -16.14 15.63
CA ASP A 68 0.84 -14.74 15.61
C ASP A 68 0.63 -14.22 17.05
N GLY A 69 1.00 -15.01 18.07
CA GLY A 69 0.94 -14.57 19.48
C GLY A 69 -0.43 -14.76 20.10
N THR A 70 -1.43 -15.26 19.36
CA THR A 70 -2.81 -15.46 19.88
C THR A 70 -2.89 -16.83 20.55
N PRO A 71 -3.73 -17.00 21.60
CA PRO A 71 -3.99 -18.32 22.17
C PRO A 71 -4.50 -19.32 21.10
N GLN A 72 -3.89 -20.50 21.02
CA GLN A 72 -4.27 -21.57 20.06
C GLN A 72 -5.39 -22.43 20.69
N GLY A 73 -6.41 -22.78 19.89
CA GLY A 73 -7.55 -23.61 20.31
C GLY A 73 -8.82 -22.80 20.55
N GLN A 74 -8.68 -21.60 21.12
CA GLN A 74 -9.78 -20.61 21.28
C GLN A 74 -9.87 -19.77 19.99
N ALA A 75 -11.08 -19.39 19.57
CA ALA A 75 -11.30 -18.34 18.56
C ALA A 75 -10.70 -17.03 19.09
N PHE A 76 -10.22 -16.15 18.22
CA PHE A 76 -9.70 -14.81 18.61
C PHE A 76 -10.76 -13.74 18.29
N THR A 77 -11.45 -13.27 19.33
CA THR A 77 -12.56 -12.27 19.28
C THR A 77 -12.02 -10.92 19.76
N GLY A 78 -10.81 -10.55 19.35
CA GLY A 78 -10.14 -9.31 19.76
C GLY A 78 -10.11 -8.31 18.62
N SER A 79 -9.73 -7.07 18.92
CA SER A 79 -9.53 -5.99 17.93
C SER A 79 -8.26 -6.27 17.12
N HIS A 80 -8.12 -5.57 16.00
CA HIS A 80 -6.85 -5.47 15.23
C HIS A 80 -5.73 -4.99 16.16
N PHE A 81 -5.99 -3.97 16.98
CA PHE A 81 -5.03 -3.39 17.96
C PHE A 81 -4.45 -4.49 18.86
N GLU A 82 -5.33 -5.31 19.44
CA GLU A 82 -4.95 -6.41 20.35
C GLU A 82 -4.08 -7.39 19.58
N ALA A 83 -4.54 -7.83 18.39
CA ALA A 83 -3.83 -8.81 17.54
C ALA A 83 -2.42 -8.30 17.23
N VAL A 84 -2.27 -7.03 16.87
CA VAL A 84 -0.95 -6.42 16.54
C VAL A 84 -0.06 -6.48 17.79
N GLY A 85 -0.61 -6.12 18.97
CA GLY A 85 0.08 -6.19 20.26
C GLY A 85 0.58 -7.61 20.52
N LEU A 86 -0.29 -8.60 20.35
CA LEU A 86 0.05 -10.00 20.64
C LEU A 86 1.17 -10.46 19.69
N PHE A 87 1.10 -10.12 18.41
CA PHE A 87 2.12 -10.54 17.43
C PHE A 87 3.47 -9.94 17.83
N LEU A 88 3.50 -8.67 18.20
CA LEU A 88 4.79 -7.97 18.49
C LEU A 88 5.38 -8.55 19.78
N LYS A 89 4.55 -8.93 20.75
CA LYS A 89 5.01 -9.52 22.04
C LYS A 89 5.63 -10.91 21.78
N ALA A 90 5.11 -11.66 20.81
CA ALA A 90 5.58 -13.00 20.42
C ALA A 90 6.86 -12.93 19.55
N SER A 91 7.21 -11.74 19.07
CA SER A 91 8.35 -11.52 18.14
C SER A 91 9.58 -11.12 18.93
N PRO A 92 10.82 -11.41 18.49
CA PRO A 92 11.09 -12.19 17.29
C PRO A 92 11.26 -13.71 17.45
N GLY A 93 11.08 -14.23 18.66
CA GLY A 93 11.18 -15.67 18.96
C GLY A 93 10.32 -16.52 18.02
N ASN A 94 9.11 -16.05 17.72
CA ASN A 94 8.20 -16.72 16.77
C ASN A 94 8.90 -16.97 15.42
N PHE A 95 9.65 -16.00 14.89
CA PHE A 95 10.37 -16.11 13.60
C PHE A 95 11.61 -17.00 13.73
N ASP A 96 12.45 -16.74 14.74
CA ASP A 96 13.68 -17.52 15.04
C ASP A 96 13.37 -19.02 15.02
N LYS A 97 12.37 -19.45 15.75
CA LYS A 97 11.98 -20.89 15.85
C LYS A 97 11.81 -21.45 14.43
N VAL A 98 11.05 -20.75 13.57
CA VAL A 98 10.57 -21.28 12.26
C VAL A 98 11.68 -21.11 11.20
N ILE A 99 12.53 -20.11 11.31
CA ILE A 99 13.73 -19.96 10.43
C ILE A 99 14.62 -21.20 10.61
N ASP A 100 14.91 -21.57 11.87
CA ASP A 100 15.73 -22.76 12.21
C ASP A 100 15.13 -24.02 11.59
N GLU A 101 13.81 -24.21 11.69
CA GLU A 101 13.19 -25.44 11.14
C GLU A 101 13.22 -25.37 9.60
N ALA A 102 13.12 -24.18 8.98
CA ALA A 102 13.29 -24.02 7.51
C ALA A 102 14.70 -24.46 7.10
N GLU A 103 15.73 -23.99 7.81
CA GLU A 103 17.15 -24.31 7.53
C GLU A 103 17.41 -25.83 7.65
N VAL A 104 16.84 -26.52 8.64
CA VAL A 104 17.09 -27.98 8.84
C VAL A 104 16.31 -28.79 7.80
N GLU A 105 15.08 -28.37 7.45
CA GLU A 105 14.21 -29.13 6.52
C GLU A 105 14.69 -28.94 5.07
N THR A 106 15.34 -27.82 4.74
CA THR A 106 15.89 -27.55 3.39
C THR A 106 17.36 -28.00 3.30
N GLY A 107 18.04 -28.10 4.43
CA GLY A 107 19.48 -28.44 4.51
C GLY A 107 20.36 -27.27 4.12
N LEU A 108 19.83 -26.04 4.09
CA LEU A 108 20.61 -24.81 3.74
C LEU A 108 20.39 -23.75 4.79
N LYS A 109 21.48 -23.20 5.34
CA LYS A 109 21.47 -21.96 6.15
C LYS A 109 21.01 -20.80 5.25
N ILE A 110 20.30 -19.84 5.82
CA ILE A 110 19.93 -18.55 5.15
CA ILE A 110 19.94 -18.62 5.03
C ILE A 110 21.23 -17.82 4.82
N SER A 111 21.32 -17.20 3.64
CA SER A 111 22.46 -16.36 3.19
C SER A 111 22.05 -14.89 3.19
N CYS A 112 20.76 -14.60 3.36
CA CYS A 112 20.22 -13.23 3.30
C CYS A 112 18.90 -13.19 4.06
N LEU A 113 18.62 -12.09 4.76
CA LEU A 113 17.31 -11.91 5.44
C LEU A 113 16.65 -10.67 4.85
N ILE A 114 15.49 -10.87 4.23
CA ILE A 114 14.59 -9.78 3.80
C ILE A 114 13.43 -9.69 4.80
N THR A 115 13.08 -8.48 5.16
CA THR A 115 12.09 -8.23 6.22
C THR A 115 11.23 -7.02 5.84
N ASP A 116 9.93 -7.04 6.17
CA ASP A 116 9.16 -5.78 6.27
C ASP A 116 9.98 -4.81 7.11
N ALA A 117 10.12 -3.56 6.69
CA ALA A 117 10.91 -2.53 7.39
C ALA A 117 10.40 -2.35 8.82
N PHE A 118 9.11 -2.63 9.10
CA PHE A 118 8.54 -2.57 10.47
C PHE A 118 9.31 -3.52 11.40
N LEU A 119 9.77 -4.66 10.87
CA LEU A 119 10.46 -5.69 11.70
C LEU A 119 11.93 -5.26 11.89
N TRP A 120 12.14 -4.23 12.71
CA TRP A 120 13.46 -3.64 13.08
C TRP A 120 14.42 -4.75 13.55
N PHE A 121 13.91 -5.81 14.16
CA PHE A 121 14.73 -6.91 14.74
C PHE A 121 15.34 -7.77 13.63
N GLY A 122 14.94 -7.57 12.36
CA GLY A 122 15.67 -8.10 11.19
C GLY A 122 17.16 -7.81 11.32
N TYR A 123 17.52 -6.63 11.78
CA TYR A 123 18.94 -6.24 11.95
C TYR A 123 19.63 -7.26 12.87
N ASP A 124 19.01 -7.56 14.01
CA ASP A 124 19.56 -8.52 15.02
C ASP A 124 19.59 -9.95 14.47
N LEU A 125 18.51 -10.39 13.83
CA LEU A 125 18.39 -11.78 13.31
C LEU A 125 19.44 -11.99 12.18
N ALA A 126 19.69 -10.96 11.37
CA ALA A 126 20.71 -10.97 10.28
C ALA A 126 22.12 -10.99 10.90
N GLU A 127 22.42 -10.03 11.77
CA GLU A 127 23.75 -9.87 12.41
C GLU A 127 24.16 -11.20 13.05
N LYS A 128 23.25 -11.80 13.83
CA LYS A 128 23.49 -13.06 14.57
C LYS A 128 23.87 -14.18 13.59
N ARG A 129 23.36 -14.15 12.36
CA ARG A 129 23.57 -15.24 11.36
C ARG A 129 24.70 -14.87 10.40
N GLY A 130 25.18 -13.62 10.46
CA GLY A 130 26.26 -13.09 9.61
C GLY A 130 25.77 -12.88 8.19
N VAL A 131 24.52 -12.44 8.01
CA VAL A 131 23.93 -12.27 6.64
C VAL A 131 23.44 -10.86 6.51
N PRO A 132 23.34 -10.35 5.26
CA PRO A 132 22.78 -9.04 5.00
C PRO A 132 21.31 -8.97 5.46
N TRP A 133 20.93 -7.81 5.95
CA TRP A 133 19.51 -7.44 6.26
C TRP A 133 19.01 -6.48 5.19
N LEU A 134 17.99 -6.90 4.43
CA LEU A 134 17.32 -6.03 3.42
C LEU A 134 15.95 -5.71 4.00
N ALA A 135 15.60 -4.42 4.02
CA ALA A 135 14.31 -3.95 4.55
C ALA A 135 13.40 -3.52 3.40
N PHE A 136 12.15 -3.94 3.45
CA PHE A 136 11.11 -3.58 2.48
C PHE A 136 10.09 -2.65 3.13
N TRP A 137 10.06 -1.41 2.66
CA TRP A 137 9.09 -0.38 3.08
C TRP A 137 7.86 -0.53 2.20
N THR A 138 6.67 -0.74 2.78
CA THR A 138 5.44 -1.12 2.04
C THR A 138 4.66 0.10 1.55
N SER A 139 5.08 1.34 1.87
CA SER A 139 4.38 2.59 1.46
C SER A 139 5.25 3.44 0.54
N ALA A 140 4.90 4.71 0.33
CA ALA A 140 5.60 5.65 -0.58
C ALA A 140 6.81 6.22 0.16
N GLN A 141 7.78 6.79 -0.59
CA GLN A 141 9.00 7.47 -0.07
C GLN A 141 8.59 8.56 0.91
N CYS A 142 7.52 9.33 0.60
CA CYS A 142 7.06 10.49 1.41
C CYS A 142 6.77 10.01 2.85
N ALA A 143 6.05 8.91 3.04
CA ALA A 143 5.73 8.36 4.38
C ALA A 143 7.00 7.91 5.09
N LEU A 144 7.93 7.26 4.38
CA LEU A 144 9.19 6.81 5.00
C LEU A 144 10.00 8.04 5.46
N SER A 145 10.07 9.07 4.63
CA SER A 145 10.82 10.32 4.97
C SER A 145 10.26 10.93 6.26
N ALA A 146 8.93 11.09 6.35
CA ALA A 146 8.26 11.65 7.53
C ALA A 146 8.71 10.90 8.79
N HIS A 147 8.70 9.57 8.80
CA HIS A 147 9.18 8.75 9.95
C HIS A 147 10.68 8.98 10.21
N MET A 148 11.50 9.08 9.17
CA MET A 148 12.97 9.25 9.33
C MET A 148 13.28 10.61 9.99
N TYR A 149 12.43 11.62 9.81
CA TYR A 149 12.56 12.97 10.42
C TYR A 149 11.77 13.09 11.73
N THR A 150 11.39 11.98 12.37
CA THR A 150 10.60 11.98 13.65
C THR A 150 11.30 12.86 14.69
N HIS A 151 12.63 12.71 14.83
CA HIS A 151 13.47 13.44 15.81
C HIS A 151 13.38 14.95 15.57
N GLU A 152 13.60 15.40 14.33
CA GLU A 152 13.63 16.83 13.95
C GLU A 152 12.24 17.43 14.14
N ILE A 153 11.18 16.66 13.85
CA ILE A 153 9.74 17.09 13.94
C ILE A 153 9.40 17.35 15.41
N LEU A 154 9.64 16.36 16.28
CA LEU A 154 9.36 16.44 17.74
C LEU A 154 10.16 17.58 18.39
N LYS A 155 11.38 17.84 17.93
CA LYS A 155 12.25 18.92 18.48
C LYS A 155 11.53 20.27 18.39
N ALA A 156 10.67 20.47 17.38
CA ALA A 156 9.81 21.67 17.22
C ALA A 156 8.42 21.25 16.74
N GLU A 168 4.66 24.22 11.63
CA GLU A 168 4.17 24.03 10.24
C GLU A 168 5.27 24.44 9.26
N GLU A 169 5.44 25.75 9.04
CA GLU A 169 6.49 26.32 8.15
C GLU A 169 7.86 25.72 8.51
N LEU A 170 8.13 25.51 9.81
CA LEU A 170 9.44 25.01 10.30
C LEU A 170 9.67 23.59 9.76
N ILE A 171 8.63 22.77 9.80
CA ILE A 171 8.67 21.32 9.39
C ILE A 171 8.76 21.28 7.87
N GLN A 172 7.97 22.12 7.21
CA GLN A 172 7.97 22.27 5.72
C GLN A 172 9.36 22.73 5.27
N SER A 173 10.08 23.47 6.12
CA SER A 173 11.43 24.03 5.81
C SER A 173 12.52 22.97 6.02
N LEU A 174 12.28 21.92 6.80
CA LEU A 174 13.39 20.99 7.17
C LEU A 174 13.26 19.59 6.57
N ILE A 175 12.13 19.20 5.97
CA ILE A 175 12.05 17.88 5.25
C ILE A 175 12.06 18.14 3.75
N PRO A 176 13.20 17.89 3.07
CA PRO A 176 13.27 18.00 1.61
C PRO A 176 12.11 17.24 0.93
N GLY A 177 11.31 17.94 0.14
CA GLY A 177 10.22 17.32 -0.63
C GLY A 177 8.89 17.28 0.11
N LEU A 178 8.83 17.60 1.41
CA LEU A 178 7.54 17.60 2.16
C LEU A 178 7.13 19.03 2.53
N GLU A 179 7.45 20.00 1.66
CA GLU A 179 7.15 21.43 1.93
C GLU A 179 5.63 21.67 1.93
N MET A 180 4.83 20.78 1.32
CA MET A 180 3.35 20.94 1.23
CA MET A 180 3.35 20.92 1.22
C MET A 180 2.67 20.24 2.41
N ALA A 181 3.40 19.45 3.21
CA ALA A 181 2.80 18.64 4.29
C ALA A 181 2.37 19.56 5.44
N HIS A 182 1.14 19.39 5.94
CA HIS A 182 0.64 20.00 7.21
C HIS A 182 0.98 19.07 8.39
N LEU A 183 1.04 19.58 9.63
CA LEU A 183 1.32 18.79 10.86
C LEU A 183 0.28 17.68 11.01
N SER A 184 -0.98 17.99 10.70
CA SER A 184 -2.15 17.10 10.83
C SER A 184 -2.03 15.91 9.87
N ASP A 185 -1.25 16.06 8.79
CA ASP A 185 -1.09 15.05 7.70
C ASP A 185 -0.11 13.96 8.13
N LEU A 186 0.80 14.28 9.04
CA LEU A 186 1.91 13.35 9.37
C LEU A 186 1.33 12.08 10.00
N PRO A 187 1.89 10.90 9.67
CA PRO A 187 1.57 9.67 10.42
C PRO A 187 1.63 10.03 11.90
N PRO A 188 0.52 9.86 12.66
CA PRO A 188 0.48 10.35 14.04
C PRO A 188 1.22 9.45 15.04
N GLU A 189 1.64 8.25 14.61
CA GLU A 189 2.63 7.40 15.34
C GLU A 189 3.84 8.27 15.70
N ILE A 190 4.15 9.25 14.85
CA ILE A 190 5.29 10.22 15.04
C ILE A 190 5.11 10.96 16.38
N PHE A 191 3.87 11.24 16.80
CA PHE A 191 3.54 12.01 18.04
C PHE A 191 3.20 11.09 19.22
N PHE A 192 3.04 9.77 19.00
CA PHE A 192 2.82 8.75 20.05
C PHE A 192 4.12 8.53 20.82
N ASP A 193 4.60 9.56 21.54
CA ASP A 193 5.96 9.61 22.12
C ASP A 193 5.92 9.38 23.65
N LYS A 194 4.74 9.38 24.28
CA LYS A 194 4.59 9.36 25.76
C LYS A 194 4.60 7.91 26.26
N ASN A 195 3.44 7.24 26.28
CA ASN A 195 3.27 5.81 26.64
C ASN A 195 2.95 5.05 25.36
N PRO A 196 3.91 4.83 24.44
CA PRO A 196 3.58 4.43 23.08
C PRO A 196 2.95 3.02 23.06
N ASN A 197 1.98 2.82 22.18
CA ASN A 197 1.43 1.50 21.79
C ASN A 197 2.56 0.66 21.18
N PRO A 198 2.45 -0.69 21.20
CA PRO A 198 3.47 -1.54 20.58
C PRO A 198 3.86 -1.15 19.14
N LEU A 199 2.89 -0.75 18.30
CA LEU A 199 3.17 -0.41 16.89
C LEU A 199 4.11 0.80 16.83
N ALA A 200 3.86 1.83 17.64
CA ALA A 200 4.67 3.09 17.64
C ALA A 200 6.07 2.79 18.18
N ILE A 201 6.20 1.87 19.14
CA ILE A 201 7.54 1.45 19.67
C ILE A 201 8.32 0.83 18.51
N THR A 202 7.66 -0.05 17.74
CA THR A 202 8.24 -0.82 16.63
C THR A 202 8.75 0.13 15.54
N ILE A 203 7.94 1.10 15.13
CA ILE A 203 8.28 2.07 14.03
C ILE A 203 9.41 2.99 14.52
N ASN A 204 9.41 3.38 15.79
CA ASN A 204 10.52 4.18 16.38
C ASN A 204 11.81 3.36 16.35
N LYS A 205 11.77 2.08 16.69
CA LYS A 205 12.98 1.20 16.63
C LYS A 205 13.39 0.97 15.17
N MET A 206 12.43 0.89 14.24
CA MET A 206 12.74 0.81 12.79
C MET A 206 13.53 2.06 12.40
N VAL A 207 13.06 3.25 12.78
CA VAL A 207 13.72 4.54 12.38
C VAL A 207 15.20 4.48 12.82
N LEU A 208 15.49 3.82 13.93
CA LEU A 208 16.86 3.75 14.50
C LEU A 208 17.67 2.68 13.75
N LYS A 209 17.06 1.56 13.35
CA LYS A 209 17.81 0.40 12.79
C LYS A 209 17.93 0.49 11.26
N LEU A 210 17.01 1.17 10.56
CA LEU A 210 16.93 1.18 9.08
C LEU A 210 18.25 1.64 8.47
N PRO A 211 18.92 2.70 8.97
CA PRO A 211 20.20 3.12 8.40
C PRO A 211 21.31 2.07 8.49
N LYS A 212 21.13 1.00 9.27
CA LYS A 212 22.14 -0.09 9.40
C LYS A 212 21.84 -1.23 8.42
N SER A 213 20.70 -1.17 7.71
CA SER A 213 20.34 -2.18 6.68
C SER A 213 21.35 -2.14 5.54
N THR A 214 21.52 -3.28 4.86
CA THR A 214 22.26 -3.40 3.58
C THR A 214 21.48 -2.65 2.50
N ALA A 215 20.15 -2.74 2.49
CA ALA A 215 19.33 -2.05 1.47
C ALA A 215 17.95 -1.76 2.03
N VAL A 216 17.37 -0.64 1.62
CA VAL A 216 15.94 -0.36 1.84
C VAL A 216 15.27 -0.41 0.46
N ILE A 217 14.26 -1.27 0.33
CA ILE A 217 13.54 -1.55 -0.95
C ILE A 217 12.14 -0.96 -0.83
N LEU A 218 11.62 -0.31 -1.89
CA LEU A 218 10.24 0.22 -1.92
C LEU A 218 9.55 -0.24 -3.20
N ASN A 219 8.24 -0.43 -3.13
CA ASN A 219 7.36 -0.57 -4.31
C ASN A 219 6.89 0.83 -4.69
N SER A 220 7.82 1.66 -5.15
CA SER A 220 7.60 3.02 -5.68
C SER A 220 8.63 3.25 -6.80
N PHE A 221 8.58 4.39 -7.46
CA PHE A 221 9.57 4.80 -8.48
C PHE A 221 10.13 6.15 -8.01
N GLU A 222 11.43 6.35 -8.28
CA GLU A 222 12.22 7.56 -7.91
C GLU A 222 11.51 8.83 -8.37
N GLU A 223 10.93 8.80 -9.57
CA GLU A 223 10.50 10.03 -10.28
C GLU A 223 9.19 10.57 -9.69
N ILE A 224 8.49 9.82 -8.82
CA ILE A 224 7.26 10.37 -8.17
C ILE A 224 7.68 11.47 -7.20
N ASP A 225 8.91 11.42 -6.67
CA ASP A 225 9.40 12.38 -5.65
C ASP A 225 10.92 12.44 -5.72
N PRO A 226 11.49 13.13 -6.73
CA PRO A 226 12.93 13.06 -6.96
C PRO A 226 13.71 13.63 -5.76
N ILE A 227 13.21 14.70 -5.13
CA ILE A 227 13.89 15.41 -4.01
C ILE A 227 13.89 14.47 -2.79
N ILE A 228 12.77 13.80 -2.49
CA ILE A 228 12.70 12.83 -1.36
C ILE A 228 13.62 11.65 -1.63
N THR A 229 13.59 11.13 -2.86
CA THR A 229 14.43 9.98 -3.29
C THR A 229 15.91 10.31 -3.05
N THR A 230 16.40 11.46 -3.53
CA THR A 230 17.81 11.90 -3.36
C THR A 230 18.15 12.04 -1.86
N ASP A 231 17.30 12.72 -1.10
CA ASP A 231 17.44 12.81 0.38
C ASP A 231 17.59 11.41 1.01
N LEU A 232 16.68 10.48 0.73
CA LEU A 232 16.71 9.16 1.41
C LEU A 232 17.92 8.35 0.93
N LYS A 233 18.39 8.53 -0.30
CA LYS A 233 19.63 7.86 -0.77
C LYS A 233 20.84 8.24 0.10
N SER A 234 20.88 9.46 0.64
CA SER A 234 21.94 9.98 1.54
C SER A 234 21.80 9.39 2.97
N LYS A 235 20.66 8.78 3.30
CA LYS A 235 20.36 8.22 4.65
C LYS A 235 20.65 6.71 4.73
N PHE A 236 20.69 6.00 3.60
CA PHE A 236 20.71 4.51 3.56
C PHE A 236 21.87 4.07 2.68
N HIS A 237 22.44 2.89 2.97
CA HIS A 237 23.50 2.25 2.15
C HIS A 237 23.00 2.09 0.71
N HIS A 238 21.89 1.37 0.51
CA HIS A 238 21.20 1.23 -0.81
C HIS A 238 19.72 1.57 -0.61
N PHE A 239 19.22 2.59 -1.30
CA PHE A 239 17.78 2.98 -1.32
C PHE A 239 17.23 2.67 -2.72
N LEU A 240 16.49 1.55 -2.84
CA LEU A 240 16.11 0.92 -4.13
C LEU A 240 14.58 0.95 -4.32
N ASN A 241 14.10 1.94 -5.08
CA ASN A 241 12.76 1.94 -5.71
C ASN A 241 12.73 0.94 -6.86
N ILE A 242 11.90 -0.11 -6.78
CA ILE A 242 11.84 -1.20 -7.78
C ILE A 242 10.45 -1.30 -8.40
N GLY A 243 9.55 -0.36 -8.12
CA GLY A 243 8.14 -0.46 -8.53
C GLY A 243 7.78 0.48 -9.68
N PRO A 244 6.50 0.53 -10.08
CA PRO A 244 5.44 -0.29 -9.51
C PRO A 244 5.52 -1.76 -9.96
N SER A 245 5.30 -2.69 -9.02
CA SER A 245 5.33 -4.15 -9.27
C SER A 245 4.26 -4.53 -10.31
N ILE A 246 3.10 -3.89 -10.28
CA ILE A 246 1.95 -4.16 -11.19
C ILE A 246 2.39 -3.96 -12.65
N LEU A 247 3.32 -3.04 -12.93
CA LEU A 247 3.82 -2.73 -14.31
C LEU A 247 5.06 -3.56 -14.65
N SER A 248 5.81 -4.09 -13.68
CA SER A 248 7.02 -4.93 -13.91
C SER A 248 6.76 -6.37 -13.46
N PRO A 252 2.15 -12.20 -15.93
CA PRO A 252 1.29 -12.68 -14.84
C PRO A 252 -0.17 -12.86 -15.29
N PRO A 253 -0.42 -13.61 -16.39
CA PRO A 253 -1.75 -13.69 -17.01
C PRO A 253 -2.97 -13.65 -16.08
N PRO A 254 -3.93 -12.72 -16.30
CA PRO A 254 -5.07 -12.60 -15.41
C PRO A 254 -6.08 -13.74 -15.52
N PRO A 255 -6.70 -14.19 -14.40
CA PRO A 255 -7.90 -15.03 -14.45
C PRO A 255 -9.05 -14.29 -15.16
N ASP A 256 -10.22 -14.92 -15.27
CA ASP A 256 -11.44 -14.27 -15.84
C ASP A 256 -12.28 -13.69 -14.70
N ASP A 257 -13.07 -12.64 -14.99
CA ASP A 257 -13.76 -11.81 -13.96
C ASP A 257 -15.16 -12.35 -13.64
N LYS A 258 -15.29 -13.06 -12.53
CA LYS A 258 -16.56 -13.70 -12.11
C LYS A 258 -17.44 -12.72 -11.32
N THR A 259 -16.99 -11.48 -11.07
CA THR A 259 -17.74 -10.47 -10.27
C THR A 259 -18.75 -9.72 -11.13
N GLY A 260 -18.55 -9.66 -12.45
CA GLY A 260 -19.38 -8.87 -13.38
C GLY A 260 -18.90 -7.43 -13.54
N CYS A 261 -17.86 -6.98 -12.83
CA CYS A 261 -17.36 -5.58 -12.92
C CYS A 261 -16.97 -5.25 -14.36
N LEU A 262 -16.16 -6.09 -15.00
CA LEU A 262 -15.60 -5.81 -16.35
C LEU A 262 -16.71 -5.81 -17.40
N ALA A 263 -17.66 -6.75 -17.31
CA ALA A 263 -18.80 -6.85 -18.25
C ALA A 263 -19.69 -5.60 -18.09
N TRP A 264 -19.85 -5.13 -16.86
CA TRP A 264 -20.65 -3.90 -16.59
C TRP A 264 -19.93 -2.67 -17.13
N LEU A 265 -18.63 -2.53 -16.86
CA LEU A 265 -17.85 -1.38 -17.40
C LEU A 265 -17.86 -1.42 -18.94
N ASP A 266 -17.74 -2.60 -19.55
CA ASP A 266 -17.75 -2.78 -21.03
C ASP A 266 -19.04 -2.21 -21.64
N SER A 267 -20.15 -2.18 -20.91
CA SER A 267 -21.45 -1.72 -21.45
C SER A 267 -21.57 -0.20 -21.29
N GLN A 268 -20.64 0.43 -20.57
CA GLN A 268 -20.57 1.90 -20.42
C GLN A 268 -19.87 2.43 -21.68
N THR A 269 -20.61 3.16 -22.52
CA THR A 269 -20.16 3.63 -23.85
C THR A 269 -19.02 4.64 -23.69
N ARG A 270 -19.27 5.79 -23.03
CA ARG A 270 -18.33 6.93 -23.03
C ARG A 270 -17.06 6.60 -22.25
N PRO A 271 -15.86 6.92 -22.79
CA PRO A 271 -14.62 6.72 -22.03
C PRO A 271 -14.57 7.69 -20.84
N LYS A 272 -13.89 7.29 -19.76
CA LYS A 272 -13.66 8.11 -18.54
C LYS A 272 -14.97 8.69 -17.99
N SER A 273 -16.08 7.94 -18.06
CA SER A 273 -17.43 8.37 -17.61
C SER A 273 -17.75 7.77 -16.23
N VAL A 274 -17.05 6.72 -15.80
CA VAL A 274 -17.42 5.94 -14.57
C VAL A 274 -16.64 6.42 -13.34
N VAL A 275 -17.35 6.57 -12.24
CA VAL A 275 -16.78 6.82 -10.89
C VAL A 275 -16.57 5.46 -10.23
N TYR A 276 -15.32 5.08 -10.00
CA TYR A 276 -14.98 3.89 -9.17
C TYR A 276 -14.76 4.33 -7.72
N ILE A 277 -15.38 3.65 -6.76
CA ILE A 277 -15.28 3.95 -5.30
C ILE A 277 -14.81 2.69 -4.56
N SER A 278 -13.79 2.82 -3.72
CA SER A 278 -13.37 1.76 -2.78
C SER A 278 -12.64 2.36 -1.57
N PHE A 279 -13.10 2.09 -0.34
CA PHE A 279 -12.37 2.47 0.89
C PHE A 279 -11.59 1.26 1.40
N GLY A 280 -11.20 0.37 0.49
CA GLY A 280 -10.53 -0.91 0.82
C GLY A 280 -11.54 -1.96 1.22
N THR A 281 -11.08 -3.09 1.76
CA THR A 281 -11.90 -4.29 2.05
C THR A 281 -12.58 -4.16 3.43
N VAL A 282 -12.01 -3.40 4.37
CA VAL A 282 -12.45 -3.40 5.80
C VAL A 282 -13.19 -2.10 6.18
N ILE A 283 -12.55 -0.93 6.10
CA ILE A 283 -13.09 0.30 6.75
C ILE A 283 -14.18 0.91 5.87
N THR A 284 -15.23 1.42 6.50
CA THR A 284 -16.22 2.31 5.85
C THR A 284 -16.42 3.51 6.75
N PRO A 285 -16.81 4.66 6.16
CA PRO A 285 -17.14 5.85 6.94
C PRO A 285 -18.39 5.61 7.76
N PRO A 286 -18.72 6.51 8.70
CA PRO A 286 -20.00 6.44 9.42
C PRO A 286 -21.18 6.32 8.45
N GLU A 287 -22.30 5.74 8.91
CA GLU A 287 -23.53 5.53 8.09
C GLU A 287 -24.00 6.87 7.50
N ASN A 288 -23.92 7.99 8.22
CA ASN A 288 -24.36 9.35 7.77
CA ASN A 288 -24.43 9.27 7.69
C ASN A 288 -23.52 9.79 6.57
N GLU A 289 -22.24 9.43 6.58
CA GLU A 289 -21.33 9.77 5.47
C GLU A 289 -21.61 8.88 4.25
N LEU A 290 -21.86 7.58 4.41
CA LEU A 290 -22.24 6.67 3.28
C LEU A 290 -23.53 7.24 2.68
N ALA A 291 -24.46 7.71 3.51
CA ALA A 291 -25.73 8.31 3.04
C ALA A 291 -25.42 9.56 2.20
N ALA A 292 -24.59 10.49 2.69
CA ALA A 292 -24.21 11.74 1.99
C ALA A 292 -23.54 11.41 0.65
N LEU A 293 -22.67 10.40 0.61
CA LEU A 293 -22.02 9.95 -0.64
C LEU A 293 -23.09 9.45 -1.61
N SER A 294 -24.03 8.64 -1.12
CA SER A 294 -25.11 8.06 -1.96
C SER A 294 -25.94 9.22 -2.56
N GLU A 295 -26.23 10.27 -1.80
CA GLU A 295 -26.98 11.46 -2.32
C GLU A 295 -26.16 12.19 -3.39
N ALA A 296 -24.85 12.37 -3.17
CA ALA A 296 -23.97 13.01 -4.17
C ALA A 296 -24.00 12.21 -5.49
N LEU A 297 -23.97 10.88 -5.43
CA LEU A 297 -23.95 10.01 -6.64
C LEU A 297 -25.24 10.18 -7.43
N GLU A 298 -26.36 10.32 -6.73
CA GLU A 298 -27.69 10.54 -7.35
C GLU A 298 -27.69 11.91 -8.04
N THR A 299 -27.28 12.96 -7.32
CA THR A 299 -27.24 14.36 -7.81
C THR A 299 -26.41 14.46 -9.10
N CYS A 300 -25.21 13.86 -9.13
CA CYS A 300 -24.27 13.97 -10.28
C CYS A 300 -24.77 13.14 -11.46
N ASN A 301 -25.38 12.00 -11.20
CA ASN A 301 -25.91 11.12 -12.27
C ASN A 301 -24.76 10.56 -13.13
N TYR A 302 -23.53 10.45 -12.59
CA TYR A 302 -22.42 9.72 -13.24
C TYR A 302 -22.58 8.23 -12.94
N PRO A 303 -22.44 7.34 -13.95
CA PRO A 303 -22.37 5.92 -13.70
C PRO A 303 -21.27 5.64 -12.67
N PHE A 304 -21.50 4.68 -11.78
CA PHE A 304 -20.53 4.40 -10.69
C PHE A 304 -20.43 2.89 -10.50
N LEU A 305 -19.25 2.47 -10.07
CA LEU A 305 -18.97 1.10 -9.59
C LEU A 305 -18.37 1.27 -8.20
N TRP A 306 -19.03 0.67 -7.20
CA TRP A 306 -18.67 0.83 -5.78
C TRP A 306 -18.39 -0.55 -5.19
N SER A 307 -17.16 -0.74 -4.72
CA SER A 307 -16.77 -1.92 -3.90
C SER A 307 -17.10 -1.60 -2.44
N LEU A 308 -18.12 -2.25 -1.90
CA LEU A 308 -18.67 -1.99 -0.55
C LEU A 308 -19.22 -3.31 -0.01
N ASN A 309 -18.84 -3.65 1.22
CA ASN A 309 -19.28 -4.90 1.91
C ASN A 309 -20.81 -4.87 2.10
N ASP A 310 -21.42 -6.06 2.17
CA ASP A 310 -22.89 -6.25 2.17
C ASP A 310 -23.50 -5.61 3.43
N ARG A 311 -22.82 -5.64 4.57
CA ARG A 311 -23.29 -5.04 5.85
C ARG A 311 -23.45 -3.53 5.64
N ALA A 312 -22.43 -2.87 5.09
CA ALA A 312 -22.46 -1.42 4.79
C ALA A 312 -23.54 -1.11 3.75
N LYS A 313 -23.71 -1.97 2.74
CA LYS A 313 -24.69 -1.73 1.65
C LYS A 313 -26.11 -1.66 2.24
N LYS A 314 -26.40 -2.49 3.24
CA LYS A 314 -27.74 -2.58 3.90
C LYS A 314 -28.08 -1.28 4.64
N SER A 315 -27.08 -0.53 5.11
CA SER A 315 -27.26 0.75 5.85
C SER A 315 -27.43 1.94 4.90
N LEU A 316 -27.27 1.75 3.59
CA LEU A 316 -27.57 2.81 2.58
C LEU A 316 -29.07 3.09 2.55
N PRO A 317 -29.52 4.32 2.26
CA PRO A 317 -30.95 4.59 2.09
C PRO A 317 -31.61 3.57 1.14
N THR A 318 -32.77 3.05 1.51
CA THR A 318 -33.45 1.94 0.77
C THR A 318 -33.84 2.45 -0.63
N GLY A 319 -34.31 3.69 -0.70
CA GLY A 319 -34.58 4.42 -1.96
C GLY A 319 -33.33 4.59 -2.83
N PHE A 320 -32.14 4.66 -2.24
CA PHE A 320 -30.89 4.82 -3.05
C PHE A 320 -30.66 3.60 -3.95
N LEU A 321 -30.71 2.40 -3.40
CA LEU A 321 -30.43 1.16 -4.17
C LEU A 321 -31.44 1.04 -5.32
N ASP A 322 -32.72 1.31 -5.05
CA ASP A 322 -33.80 1.22 -6.07
C ASP A 322 -33.54 2.25 -7.17
N ARG A 323 -33.32 3.51 -6.79
CA ARG A 323 -33.20 4.64 -7.74
C ARG A 323 -31.97 4.47 -8.64
N THR A 324 -30.89 3.82 -8.19
CA THR A 324 -29.58 3.78 -8.92
C THR A 324 -29.33 2.42 -9.58
N LYS A 325 -30.33 1.53 -9.63
CA LYS A 325 -30.23 0.19 -10.25
C LYS A 325 -29.74 0.26 -11.71
N GLU A 326 -30.03 1.33 -12.44
CA GLU A 326 -29.61 1.47 -13.87
C GLU A 326 -28.38 2.39 -13.98
N LEU A 327 -28.02 3.12 -12.92
CA LEU A 327 -26.93 4.12 -12.93
C LEU A 327 -25.63 3.45 -12.46
N GLY A 328 -25.71 2.69 -11.37
CA GLY A 328 -24.49 2.14 -10.73
C GLY A 328 -24.55 0.65 -10.48
N MET A 329 -23.43 0.13 -9.98
CA MET A 329 -23.29 -1.28 -9.55
C MET A 329 -22.51 -1.26 -8.25
N ILE A 330 -23.00 -2.00 -7.25
CA ILE A 330 -22.33 -2.18 -5.94
C ILE A 330 -22.01 -3.66 -5.79
N VAL A 331 -20.74 -3.98 -5.54
CA VAL A 331 -20.22 -5.35 -5.35
C VAL A 331 -19.46 -5.37 -4.04
N PRO A 332 -19.37 -6.54 -3.35
CA PRO A 332 -18.58 -6.67 -2.12
C PRO A 332 -17.06 -6.70 -2.37
N TRP A 333 -16.63 -6.99 -3.60
CA TRP A 333 -15.21 -7.04 -4.01
C TRP A 333 -15.12 -6.80 -5.52
N ALA A 334 -14.13 -5.99 -5.94
CA ALA A 334 -13.82 -5.69 -7.36
C ALA A 334 -12.40 -6.13 -7.65
N PRO A 335 -12.09 -6.55 -8.89
CA PRO A 335 -10.71 -6.76 -9.28
C PRO A 335 -10.11 -5.38 -9.58
N GLN A 336 -9.69 -4.68 -8.52
CA GLN A 336 -9.45 -3.22 -8.56
C GLN A 336 -8.47 -2.88 -9.68
N PRO A 337 -7.29 -3.53 -9.81
CA PRO A 337 -6.32 -3.13 -10.82
C PRO A 337 -6.89 -3.24 -12.24
N ARG A 338 -7.76 -4.23 -12.47
CA ARG A 338 -8.41 -4.43 -13.79
C ARG A 338 -9.48 -3.36 -13.99
N VAL A 339 -10.24 -3.03 -12.94
CA VAL A 339 -11.23 -1.91 -12.99
C VAL A 339 -10.51 -0.61 -13.39
N LEU A 340 -9.45 -0.24 -12.67
CA LEU A 340 -8.75 1.05 -12.89
C LEU A 340 -8.20 1.12 -14.32
N ALA A 341 -7.78 -0.01 -14.91
CA ALA A 341 -7.21 -0.09 -16.29
C ALA A 341 -8.31 0.00 -17.36
N HIS A 342 -9.59 -0.08 -16.99
CA HIS A 342 -10.71 -0.04 -17.97
C HIS A 342 -10.92 1.40 -18.48
N ARG A 343 -11.05 1.57 -19.78
CA ARG A 343 -11.08 2.90 -20.45
C ARG A 343 -12.35 3.68 -20.06
N SER A 344 -13.40 3.01 -19.57
CA SER A 344 -14.62 3.72 -19.08
C SER A 344 -14.41 4.39 -17.70
N VAL A 345 -13.33 4.11 -16.95
CA VAL A 345 -13.18 4.68 -15.58
C VAL A 345 -12.58 6.09 -15.66
N GLY A 346 -13.28 7.06 -15.09
CA GLY A 346 -12.90 8.49 -15.13
C GLY A 346 -12.28 9.01 -13.85
N VAL A 347 -12.61 8.40 -12.70
CA VAL A 347 -12.11 8.88 -11.39
C VAL A 347 -12.19 7.73 -10.38
N PHE A 348 -11.33 7.80 -9.36
CA PHE A 348 -11.29 6.82 -8.25
C PHE A 348 -11.45 7.61 -6.93
N VAL A 349 -12.58 7.40 -6.26
CA VAL A 349 -12.81 7.82 -4.84
C VAL A 349 -12.12 6.79 -3.94
N THR A 350 -11.05 7.18 -3.26
CA THR A 350 -10.10 6.24 -2.62
C THR A 350 -9.91 6.63 -1.16
N HIS A 351 -9.51 5.66 -0.34
CA HIS A 351 -9.03 5.89 1.04
C HIS A 351 -7.56 6.33 1.04
N CYS A 352 -6.90 6.34 -0.12
CA CYS A 352 -5.52 6.85 -0.31
C CYS A 352 -4.49 5.88 0.31
N GLY A 353 -4.84 4.62 0.46
CA GLY A 353 -3.81 3.59 0.67
C GLY A 353 -2.79 3.65 -0.47
N TRP A 354 -1.51 3.40 -0.18
CA TRP A 354 -0.43 3.53 -1.18
C TRP A 354 -0.67 2.57 -2.35
N ASN A 355 -1.09 1.33 -2.12
CA ASN A 355 -1.27 0.36 -3.23
C ASN A 355 -2.33 0.88 -4.19
N SER A 356 -3.45 1.37 -3.65
CA SER A 356 -4.58 1.92 -4.43
C SER A 356 -4.13 3.11 -5.25
N ILE A 357 -3.39 4.04 -4.63
CA ILE A 357 -2.87 5.24 -5.34
C ILE A 357 -1.93 4.78 -6.48
N LEU A 358 -1.04 3.85 -6.23
CA LEU A 358 -0.06 3.41 -7.25
C LEU A 358 -0.78 2.73 -8.42
N GLU A 359 -1.80 1.92 -8.11
CA GLU A 359 -2.64 1.28 -9.15
C GLU A 359 -3.31 2.37 -9.97
N SER A 360 -3.78 3.44 -9.32
CA SER A 360 -4.44 4.57 -10.03
C SER A 360 -3.45 5.24 -10.98
N ILE A 361 -2.24 5.51 -10.49
CA ILE A 361 -1.15 6.13 -11.29
C ILE A 361 -0.86 5.23 -12.50
N CYS A 362 -0.78 3.92 -12.27
CA CYS A 362 -0.39 2.93 -13.32
C CYS A 362 -1.45 2.85 -14.41
N SER A 363 -2.68 3.28 -14.13
CA SER A 363 -3.78 3.25 -15.15
C SER A 363 -4.17 4.65 -15.61
N GLY A 364 -3.52 5.69 -15.09
CA GLY A 364 -3.83 7.11 -15.39
C GLY A 364 -5.23 7.53 -14.96
N VAL A 365 -5.66 7.15 -13.75
CA VAL A 365 -7.00 7.54 -13.22
C VAL A 365 -6.83 8.59 -12.12
N PRO A 366 -7.47 9.77 -12.24
CA PRO A 366 -7.36 10.76 -11.17
C PRO A 366 -8.15 10.37 -9.91
N LEU A 367 -7.81 11.02 -8.79
CA LEU A 367 -8.25 10.61 -7.45
C LEU A 367 -9.12 11.67 -6.81
N ILE A 368 -10.09 11.21 -6.04
CA ILE A 368 -10.79 11.99 -5.00
C ILE A 368 -10.47 11.30 -3.69
N CYS A 369 -9.90 12.04 -2.75
CA CYS A 369 -9.23 11.53 -1.53
C CYS A 369 -10.16 11.65 -0.32
N ARG A 370 -10.40 10.51 0.33
CA ARG A 370 -11.06 10.46 1.66
C ARG A 370 -10.17 9.62 2.54
N PRO A 371 -9.03 10.14 3.05
CA PRO A 371 -8.13 9.34 3.88
C PRO A 371 -8.73 8.96 5.25
N PHE A 372 -8.29 7.86 5.85
CA PHE A 372 -8.76 7.40 7.19
C PHE A 372 -7.64 7.44 8.22
N PHE A 373 -6.50 6.78 7.97
CA PHE A 373 -5.48 6.56 9.02
C PHE A 373 -4.10 6.38 8.42
N GLY A 374 -3.11 6.46 9.30
CA GLY A 374 -1.71 6.15 8.98
C GLY A 374 -1.16 7.10 7.94
N ASP A 375 -0.60 6.55 6.87
CA ASP A 375 0.06 7.32 5.79
CA ASP A 375 0.06 7.27 5.76
C ASP A 375 -1.01 7.90 4.85
N GLN A 376 -2.28 7.56 5.05
CA GLN A 376 -3.32 7.97 4.09
C GLN A 376 -3.44 9.49 4.01
N LYS A 377 -3.36 10.19 5.14
CA LYS A 377 -3.55 11.67 5.15
C LYS A 377 -2.40 12.30 4.34
N LEU A 378 -1.17 11.87 4.59
CA LEU A 378 0.01 12.42 3.88
C LEU A 378 -0.09 12.11 2.39
N ASN A 379 -0.45 10.88 2.03
CA ASN A 379 -0.70 10.46 0.62
C ASN A 379 -1.70 11.43 -0.03
N SER A 380 -2.78 11.78 0.66
CA SER A 380 -3.85 12.65 0.09
C SER A 380 -3.30 14.07 -0.15
N ARG A 381 -2.45 14.54 0.76
CA ARG A 381 -1.80 15.87 0.64
C ARG A 381 -0.86 15.86 -0.57
N MET A 382 -0.13 14.76 -0.79
CA MET A 382 0.79 14.65 -1.95
C MET A 382 -0.05 14.61 -3.22
N VAL A 383 -1.18 13.88 -3.20
CA VAL A 383 -2.11 13.76 -4.36
C VAL A 383 -2.54 15.18 -4.79
N GLU A 384 -3.01 16.00 -3.84
CA GLU A 384 -3.60 17.31 -4.17
C GLU A 384 -2.52 18.36 -4.48
N ASP A 385 -1.43 18.41 -3.71
CA ASP A 385 -0.57 19.62 -3.58
C ASP A 385 0.84 19.38 -4.15
N SER A 386 1.27 18.13 -4.31
CA SER A 386 2.64 17.86 -4.85
C SER A 386 2.53 17.23 -6.24
N TRP A 387 1.89 16.08 -6.32
CA TRP A 387 1.69 15.31 -7.57
C TRP A 387 0.60 15.96 -8.41
N LYS A 388 -0.45 16.48 -7.75
CA LYS A 388 -1.59 17.20 -8.37
C LYS A 388 -2.34 16.26 -9.32
N ILE A 389 -2.63 15.03 -8.87
CA ILE A 389 -3.30 13.97 -9.64
C ILE A 389 -4.70 13.77 -9.04
N GLY A 390 -5.14 14.65 -8.15
CA GLY A 390 -6.51 14.59 -7.64
C GLY A 390 -6.82 15.70 -6.65
N VAL A 391 -7.93 15.56 -5.94
CA VAL A 391 -8.45 16.57 -5.00
C VAL A 391 -8.79 15.89 -3.69
N ARG A 392 -8.74 16.68 -2.63
CA ARG A 392 -9.27 16.35 -1.30
C ARG A 392 -10.68 16.93 -1.23
N LEU A 393 -11.44 16.52 -0.23
CA LEU A 393 -12.82 17.00 0.00
C LEU A 393 -12.75 18.23 0.91
N GLU A 394 -13.45 19.31 0.55
CA GLU A 394 -13.69 20.44 1.49
C GLU A 394 -14.19 19.85 2.80
N GLY A 395 -13.44 19.97 3.89
CA GLY A 395 -13.83 19.49 5.22
C GLY A 395 -13.67 17.98 5.39
N GLY A 396 -12.85 17.33 4.55
CA GLY A 396 -12.28 15.99 4.81
C GLY A 396 -13.27 14.83 4.73
N VAL A 397 -14.56 15.08 4.58
CA VAL A 397 -15.57 13.97 4.56
C VAL A 397 -16.39 14.06 3.27
N LEU A 398 -17.12 12.99 2.97
CA LEU A 398 -17.95 12.85 1.77
C LEU A 398 -19.34 13.42 2.06
N SER A 399 -19.40 14.68 2.51
CA SER A 399 -20.67 15.47 2.56
C SER A 399 -21.24 15.54 1.14
N LYS A 400 -22.55 15.71 0.99
CA LYS A 400 -23.24 15.78 -0.31
C LYS A 400 -22.59 16.87 -1.17
N THR A 401 -22.49 18.10 -0.65
CA THR A 401 -21.96 19.26 -1.40
C THR A 401 -20.47 19.05 -1.76
N ALA A 402 -19.66 18.59 -0.82
CA ALA A 402 -18.20 18.40 -1.03
C ALA A 402 -17.96 17.32 -2.08
N THR A 403 -18.80 16.29 -2.11
CA THR A 403 -18.67 15.15 -3.04
C THR A 403 -19.16 15.58 -4.42
N VAL A 404 -20.31 16.24 -4.50
CA VAL A 404 -20.83 16.74 -5.81
C VAL A 404 -19.75 17.62 -6.45
N GLU A 405 -19.16 18.52 -5.67
CA GLU A 405 -18.12 19.49 -6.10
C GLU A 405 -16.88 18.71 -6.57
N ALA A 406 -16.40 17.73 -5.80
CA ALA A 406 -15.16 16.98 -6.10
C ALA A 406 -15.36 16.22 -7.41
N LEU A 407 -16.51 15.53 -7.58
CA LEU A 407 -16.79 14.71 -8.77
C LEU A 407 -16.85 15.63 -9.99
N GLY A 408 -17.52 16.77 -9.86
CA GLY A 408 -17.62 17.73 -10.96
C GLY A 408 -16.25 18.24 -11.39
N ARG A 409 -15.44 18.68 -10.42
CA ARG A 409 -14.09 19.23 -10.66
C ARG A 409 -13.25 18.25 -11.47
N VAL A 410 -13.17 16.99 -11.02
CA VAL A 410 -12.27 15.98 -11.64
C VAL A 410 -12.84 15.53 -12.99
N MET A 411 -14.16 15.31 -13.08
CA MET A 411 -14.77 14.60 -14.23
C MET A 411 -14.97 15.57 -15.41
N MET A 412 -15.35 16.82 -15.15
CA MET A 412 -15.77 17.76 -16.23
C MET A 412 -15.51 19.20 -15.80
N SER A 413 -14.24 19.62 -15.73
CA SER A 413 -13.89 21.04 -15.45
C SER A 413 -12.52 21.38 -16.02
N GLU A 414 -12.19 22.67 -16.02
CA GLU A 414 -10.88 23.15 -16.50
C GLU A 414 -9.81 22.68 -15.51
N GLU A 415 -10.12 22.68 -14.21
CA GLU A 415 -9.25 22.12 -13.16
C GLU A 415 -9.06 20.61 -13.43
N GLY A 416 -10.10 19.92 -13.92
CA GLY A 416 -10.02 18.49 -14.34
C GLY A 416 -9.03 18.26 -15.47
N GLU A 417 -8.97 19.18 -16.45
CA GLU A 417 -8.00 19.10 -17.56
C GLU A 417 -6.58 19.13 -16.98
N ILE A 418 -6.33 19.97 -15.97
CA ILE A 418 -4.96 20.06 -15.36
C ILE A 418 -4.65 18.75 -14.63
N ILE A 419 -5.60 18.26 -13.84
CA ILE A 419 -5.43 16.97 -13.11
C ILE A 419 -5.17 15.83 -14.10
N ARG A 420 -5.92 15.76 -15.21
CA ARG A 420 -5.74 14.76 -16.29
C ARG A 420 -4.31 14.80 -16.84
N GLU A 421 -3.79 15.97 -17.24
CA GLU A 421 -2.40 16.05 -17.77
C GLU A 421 -1.40 15.58 -16.71
N ASN A 422 -1.64 15.89 -15.44
CA ASN A 422 -0.71 15.53 -14.34
C ASN A 422 -0.71 14.02 -14.11
N VAL A 423 -1.88 13.38 -14.12
CA VAL A 423 -1.96 11.91 -13.89
C VAL A 423 -1.37 11.19 -15.12
N ASN A 424 -1.54 11.72 -16.34
CA ASN A 424 -0.96 11.13 -17.59
C ASN A 424 0.57 11.24 -17.53
N GLU A 425 1.10 12.36 -17.03
CA GLU A 425 2.56 12.54 -16.91
C GLU A 425 3.13 11.56 -15.87
N MET A 426 2.50 11.44 -14.70
CA MET A 426 2.93 10.49 -13.66
C MET A 426 2.84 9.06 -14.19
N ASN A 427 1.75 8.73 -14.89
CA ASN A 427 1.57 7.41 -15.55
C ASN A 427 2.78 7.15 -16.46
N GLU A 428 3.11 8.10 -17.32
CA GLU A 428 4.26 7.99 -18.25
C GLU A 428 5.53 7.77 -17.44
N LYS A 429 5.75 8.52 -16.36
CA LYS A 429 6.99 8.39 -15.55
C LYS A 429 7.06 6.98 -14.95
N ALA A 430 5.93 6.43 -14.51
CA ALA A 430 5.88 5.09 -13.87
C ALA A 430 6.26 4.02 -14.92
N LYS A 431 5.74 4.12 -16.15
CA LYS A 431 6.06 3.17 -17.25
C LYS A 431 7.55 3.24 -17.62
N ILE A 432 8.11 4.44 -17.76
CA ILE A 432 9.55 4.63 -18.13
C ILE A 432 10.43 3.99 -17.03
N ALA A 433 10.06 4.15 -15.76
CA ALA A 433 10.87 3.64 -14.62
C ALA A 433 11.02 2.11 -14.69
N VAL A 434 10.00 1.38 -15.13
CA VAL A 434 10.02 -0.12 -15.10
C VAL A 434 10.53 -0.69 -16.43
N GLU A 435 10.59 0.13 -17.48
CA GLU A 435 11.11 -0.27 -18.81
C GLU A 435 12.63 -0.34 -18.73
N PRO A 436 13.26 -1.05 -19.69
CA PRO A 436 14.72 -1.12 -19.75
C PRO A 436 15.32 0.29 -19.66
N LYS A 437 16.40 0.39 -18.89
CA LYS A 437 17.18 1.65 -18.63
C LYS A 437 16.42 2.54 -17.65
N GLY A 438 15.25 2.13 -17.19
CA GLY A 438 14.47 2.92 -16.23
C GLY A 438 15.07 2.81 -14.85
N SER A 439 14.77 3.77 -13.98
CA SER A 439 15.30 3.80 -12.59
C SER A 439 14.95 2.50 -11.86
N SER A 440 13.69 2.02 -11.94
CA SER A 440 13.22 0.81 -11.20
C SER A 440 13.78 -0.47 -11.83
N PHE A 441 13.83 -0.51 -13.14
CA PHE A 441 14.48 -1.62 -13.89
C PHE A 441 15.93 -1.74 -13.39
N LYS A 442 16.65 -0.61 -13.33
CA LYS A 442 18.08 -0.63 -12.92
C LYS A 442 18.18 -1.04 -11.44
N ASN A 443 17.32 -0.49 -10.59
CA ASN A 443 17.33 -0.72 -9.13
C ASN A 443 17.04 -2.18 -8.81
N PHE A 444 16.17 -2.82 -9.60
CA PHE A 444 15.83 -4.24 -9.41
C PHE A 444 17.05 -5.11 -9.75
N ASN A 445 17.79 -4.76 -10.79
CA ASN A 445 19.04 -5.49 -11.15
C ASN A 445 20.07 -5.28 -10.02
N LYS A 446 20.12 -4.08 -9.42
CA LYS A 446 20.98 -3.79 -8.25
C LYS A 446 20.61 -4.73 -7.11
N LEU A 447 19.31 -4.89 -6.82
CA LEU A 447 18.81 -5.80 -5.77
C LEU A 447 19.22 -7.24 -6.05
N LEU A 448 19.16 -7.69 -7.31
CA LEU A 448 19.56 -9.08 -7.67
C LEU A 448 21.07 -9.28 -7.40
N GLU A 449 21.89 -8.28 -7.65
CA GLU A 449 23.36 -8.33 -7.37
C GLU A 449 23.57 -8.58 -5.87
N ILE A 450 22.74 -7.99 -5.02
CA ILE A 450 22.82 -8.12 -3.53
C ILE A 450 22.34 -9.52 -3.12
N ILE A 451 21.17 -9.98 -3.58
CA ILE A 451 20.58 -11.25 -3.07
C ILE A 451 21.31 -12.48 -3.63
N ASN A 452 22.00 -12.37 -4.77
CA ASN A 452 22.74 -13.52 -5.40
C ASN A 452 24.23 -13.44 -5.03
N1 UDP B . -8.60 -4.23 -3.37
C2 UDP B . -9.18 -5.13 -4.29
N3 UDP B . -10.54 -5.14 -4.42
C4 UDP B . -11.35 -4.35 -3.68
C5 UDP B . -10.79 -3.48 -2.76
C6 UDP B . -9.39 -3.43 -2.63
O2 UDP B . -8.44 -5.86 -5.01
O4 UDP B . -12.60 -4.41 -3.83
C1' UDP B . -7.13 -4.21 -3.21
C2' UDP B . -6.49 -3.05 -3.98
O2' UDP B . -6.22 -3.36 -5.35
C3' UDP B . -5.23 -2.75 -3.18
C4' UDP B . -5.54 -3.27 -1.77
O4' UDP B . -6.77 -4.01 -1.83
O3' UDP B . -4.13 -3.47 -3.74
C5' UDP B . -5.71 -2.14 -0.77
O5' UDP B . -4.38 -1.65 -0.52
PA UDP B . -4.07 -0.14 -0.03
O1A UDP B . -2.59 -0.08 0.21
O2A UDP B . -4.65 0.87 -0.97
O3A UDP B . -5.00 -0.02 1.30
PB UDP B . -4.51 -0.17 2.85
O1B UDP B . -3.22 0.63 2.93
O2B UDP B . -5.64 0.38 3.73
O3B UDP B . -4.32 -1.66 2.94
#